data_9D7K
#
_entry.id   9D7K
#
_cell.length_a   1.00
_cell.length_b   1.00
_cell.length_c   1.00
_cell.angle_alpha   90.00
_cell.angle_beta   90.00
_cell.angle_gamma   90.00
#
_symmetry.space_group_name_H-M   'P 1'
#
_entity_poly.entity_id   1
_entity_poly.type   'polypeptide(L)'
_entity_poly.pdbx_seq_one_letter_code
;MERMLPLLALGLLAAGFCPAVLCHPNSPLDEENLTQENQDRGTHVDLGLASANVDFAFSLYKQLVLKAPDKNVIFSPLSI
STALAFLSLGAHNTTLTEILKGLKFNLTETSEAEIHQSFQHLLRTLNQSSDELQLSMGNAMFVKEQLSLLDRFTEDAKRL
YGSEAFATDFQDSAAAKKLINDYVKNGTRGKITDLIKDLDSQTMMVLVNYIFFKAKWEMPFDPQDTHQSRFYLSKKKWVM
VPMMSLHHLTIPYFRDEELSCTVVELKYTGNASALFILPDQDKMEEVEAMLLPETLKRWRDSLEFREIGELYLPKFSISR
DYNLNDILLQLGIEEAFTSKADLSGITGARNLAVSQVVHKAVLDVFEEGTEASAATAVKITLLSALVETRTIVRFNRPFL
MIIVPTDTQNIFFMSKVTNPKQA
;
_entity_poly.pdbx_strand_id   S
#
# COMPACT_ATOMS: atom_id res chain seq x y z
N GLY A 48 7.63 3.57 -18.00
CA GLY A 48 7.66 2.12 -17.97
C GLY A 48 7.45 1.53 -16.59
N LEU A 49 7.88 2.27 -15.57
CA LEU A 49 7.73 1.81 -14.19
C LEU A 49 6.28 1.89 -13.71
N ALA A 50 5.48 2.78 -14.29
CA ALA A 50 4.11 2.97 -13.81
C ALA A 50 3.26 1.72 -14.03
N SER A 51 3.24 1.21 -15.26
CA SER A 51 2.43 0.02 -15.55
C SER A 51 2.91 -1.18 -14.76
N ALA A 52 4.23 -1.33 -14.63
CA ALA A 52 4.79 -2.42 -13.85
C ALA A 52 4.34 -2.34 -12.39
N ASN A 53 4.40 -1.14 -11.80
CA ASN A 53 3.95 -0.98 -10.43
C ASN A 53 2.47 -1.30 -10.29
N VAL A 54 1.65 -0.84 -11.24
CA VAL A 54 0.22 -1.12 -11.16
C VAL A 54 -0.05 -2.62 -11.22
N ASP A 55 0.63 -3.31 -12.15
CA ASP A 55 0.42 -4.75 -12.29
C ASP A 55 0.86 -5.51 -11.05
N PHE A 56 2.04 -5.17 -10.50
CA PHE A 56 2.51 -5.82 -9.28
C PHE A 56 1.55 -5.57 -8.13
N ALA A 57 1.13 -4.31 -7.96
CA ALA A 57 0.19 -3.95 -6.91
C ALA A 57 -1.09 -4.75 -7.03
N PHE A 58 -1.58 -4.91 -8.25
CA PHE A 58 -2.90 -5.48 -8.41
C PHE A 58 -2.87 -7.01 -8.28
N SER A 59 -1.80 -7.64 -8.75
CA SER A 59 -1.62 -9.07 -8.46
C SER A 59 -1.47 -9.31 -6.97
N LEU A 60 -0.74 -8.43 -6.28
CA LEU A 60 -0.62 -8.53 -4.83
C LEU A 60 -1.97 -8.39 -4.15
N TYR A 61 -2.79 -7.43 -4.61
CA TYR A 61 -4.12 -7.26 -4.05
C TYR A 61 -4.99 -8.49 -4.29
N LYS A 62 -4.90 -9.08 -5.49
CA LYS A 62 -5.65 -10.29 -5.79
C LYS A 62 -5.24 -11.42 -4.86
N GLN A 63 -3.94 -11.58 -4.61
CA GLN A 63 -3.49 -12.61 -3.68
C GLN A 63 -3.99 -12.35 -2.27
N LEU A 64 -3.96 -11.08 -1.84
CA LEU A 64 -4.45 -10.75 -0.51
C LEU A 64 -5.94 -11.06 -0.36
N VAL A 65 -6.72 -10.78 -1.40
CA VAL A 65 -8.14 -11.16 -1.39
C VAL A 65 -8.28 -12.66 -1.33
N LEU A 66 -7.45 -13.38 -2.10
CA LEU A 66 -7.52 -14.84 -2.08
C LEU A 66 -7.21 -15.39 -0.69
N LYS A 67 -6.38 -14.70 0.09
CA LYS A 67 -6.11 -15.12 1.45
C LYS A 67 -7.13 -14.61 2.46
N ALA A 68 -8.01 -13.68 2.07
CA ALA A 68 -9.03 -13.14 2.97
C ALA A 68 -10.18 -12.62 2.13
N PRO A 69 -11.17 -13.46 1.83
CA PRO A 69 -12.25 -13.04 0.93
C PRO A 69 -13.07 -11.86 1.44
N ASP A 70 -13.28 -11.75 2.75
CA ASP A 70 -14.16 -10.73 3.30
C ASP A 70 -13.49 -9.76 4.27
N LYS A 71 -12.33 -10.08 4.80
CA LYS A 71 -11.66 -9.19 5.75
C LYS A 71 -11.20 -7.91 5.06
N ASN A 72 -11.10 -6.85 5.85
CA ASN A 72 -10.67 -5.56 5.32
C ASN A 72 -9.27 -5.67 4.75
N VAL A 73 -9.06 -5.05 3.58
CA VAL A 73 -7.80 -5.12 2.86
C VAL A 73 -7.23 -3.71 2.77
N ILE A 74 -5.97 -3.55 3.18
CA ILE A 74 -5.27 -2.28 3.07
C ILE A 74 -3.78 -2.58 2.91
N PHE A 75 -3.16 -1.90 1.95
CA PHE A 75 -1.72 -2.00 1.71
C PHE A 75 -1.32 -0.88 0.77
N SER A 76 -0.05 -0.47 0.87
CA SER A 76 0.48 0.59 0.02
C SER A 76 1.30 -0.01 -1.09
N PRO A 77 0.82 0.00 -2.34
CA PRO A 77 1.60 -0.57 -3.44
C PRO A 77 2.98 0.04 -3.61
N LEU A 78 3.09 1.36 -3.50
CA LEU A 78 4.38 2.01 -3.72
C LEU A 78 5.39 1.58 -2.65
N SER A 79 4.96 1.51 -1.40
CA SER A 79 5.86 1.12 -0.33
C SER A 79 6.32 -0.32 -0.50
N ILE A 80 5.41 -1.23 -0.87
CA ILE A 80 5.78 -2.62 -1.03
C ILE A 80 6.72 -2.80 -2.22
N SER A 81 6.46 -2.08 -3.32
CA SER A 81 7.36 -2.14 -4.47
C SER A 81 8.74 -1.59 -4.12
N THR A 82 8.78 -0.50 -3.36
CA THR A 82 10.06 0.08 -2.97
C THR A 82 10.82 -0.86 -2.04
N ALA A 83 10.12 -1.52 -1.12
CA ALA A 83 10.76 -2.50 -0.25
C ALA A 83 11.28 -3.70 -1.04
N LEU A 84 10.51 -4.14 -2.04
CA LEU A 84 10.97 -5.25 -2.87
C LEU A 84 12.22 -4.86 -3.65
N ALA A 85 12.27 -3.63 -4.17
CA ALA A 85 13.48 -3.16 -4.84
C ALA A 85 14.64 -3.00 -3.86
N PHE A 86 14.35 -2.60 -2.62
CA PHE A 86 15.36 -2.52 -1.58
C PHE A 86 15.97 -3.89 -1.31
N LEU A 87 15.13 -4.92 -1.23
CA LEU A 87 15.64 -6.29 -1.11
C LEU A 87 16.43 -6.68 -2.35
N SER A 88 15.96 -6.30 -3.54
CA SER A 88 16.66 -6.63 -4.78
C SER A 88 18.03 -5.98 -4.85
N LEU A 89 18.21 -4.84 -4.18
CA LEU A 89 19.48 -4.13 -4.22
C LEU A 89 20.65 -5.00 -3.76
N GLY A 90 20.39 -5.99 -2.91
CA GLY A 90 21.39 -6.92 -2.47
C GLY A 90 21.35 -8.29 -3.13
N ALA A 91 20.55 -8.46 -4.17
CA ALA A 91 20.38 -9.76 -4.80
C ALA A 91 21.40 -9.97 -5.92
N HIS A 92 21.59 -11.24 -6.28
CA HIS A 92 22.52 -11.63 -7.33
C HIS A 92 22.03 -12.92 -7.96
N ASN A 93 22.73 -13.35 -9.03
CA ASN A 93 22.47 -14.60 -9.74
C ASN A 93 21.00 -14.63 -10.16
N THR A 94 20.28 -15.73 -9.96
CA THR A 94 18.89 -15.83 -10.38
C THR A 94 17.91 -15.28 -9.36
N THR A 95 18.36 -14.96 -8.14
CA THR A 95 17.48 -14.35 -7.16
C THR A 95 17.01 -12.98 -7.64
N LEU A 96 17.92 -12.17 -8.18
CA LEU A 96 17.54 -10.87 -8.73
C LEU A 96 16.59 -11.04 -9.91
N THR A 97 16.85 -12.01 -10.79
CA THR A 97 15.97 -12.22 -11.93
C THR A 97 14.60 -12.69 -11.49
N GLU A 98 14.51 -13.43 -10.37
CA GLU A 98 13.21 -13.84 -9.85
C GLU A 98 12.47 -12.68 -9.20
N ILE A 99 13.18 -11.86 -8.42
CA ILE A 99 12.57 -10.68 -7.82
C ILE A 99 12.12 -9.70 -8.89
N LEU A 100 12.76 -9.72 -10.06
CA LEU A 100 12.41 -8.82 -11.14
C LEU A 100 11.41 -9.43 -12.11
N LYS A 101 11.25 -10.77 -12.09
CA LYS A 101 10.13 -11.38 -12.79
C LYS A 101 8.81 -10.93 -12.17
N GLY A 102 8.77 -10.83 -10.84
CA GLY A 102 7.73 -10.07 -10.19
C GLY A 102 7.81 -8.61 -10.54
N LEU A 103 6.73 -7.89 -10.28
CA LEU A 103 6.51 -6.51 -10.72
C LEU A 103 6.58 -6.38 -12.24
N LYS A 104 6.53 -7.48 -12.98
CA LYS A 104 6.36 -7.48 -14.43
C LYS A 104 7.48 -6.72 -15.15
N PHE A 105 8.70 -6.78 -14.63
CA PHE A 105 9.83 -6.15 -15.28
C PHE A 105 10.35 -7.04 -16.41
N ASN A 106 10.24 -6.55 -17.64
CA ASN A 106 10.80 -7.26 -18.79
C ASN A 106 12.29 -6.92 -18.85
N LEU A 107 13.13 -7.86 -18.39
CA LEU A 107 14.56 -7.58 -18.25
C LEU A 107 15.26 -7.47 -19.60
N THR A 108 14.66 -8.00 -20.67
CA THR A 108 15.28 -7.89 -21.99
C THR A 108 15.39 -6.44 -22.45
N GLU A 109 14.49 -5.57 -21.99
CA GLU A 109 14.50 -4.16 -22.38
C GLU A 109 14.99 -3.26 -21.25
N THR A 110 14.40 -3.37 -20.06
CA THR A 110 14.73 -2.52 -18.92
C THR A 110 15.64 -3.26 -17.95
N SER A 111 16.78 -2.67 -17.65
CA SER A 111 17.73 -3.24 -16.71
C SER A 111 17.38 -2.84 -15.28
N GLU A 112 18.01 -3.53 -14.32
CA GLU A 112 17.74 -3.26 -12.91
C GLU A 112 18.31 -1.93 -12.45
N ALA A 113 19.43 -1.49 -13.05
CA ALA A 113 20.00 -0.21 -12.68
C ALA A 113 19.06 0.94 -13.03
N GLU A 114 18.44 0.89 -14.20
CA GLU A 114 17.45 1.89 -14.56
C GLU A 114 16.23 1.83 -13.65
N ILE A 115 15.86 0.63 -13.20
CA ILE A 115 14.73 0.50 -12.27
C ILE A 115 15.05 1.17 -10.95
N HIS A 116 16.26 0.94 -10.43
CA HIS A 116 16.69 1.60 -9.20
C HIS A 116 16.74 3.11 -9.37
N GLN A 117 17.24 3.58 -10.51
CA GLN A 117 17.29 5.01 -10.79
C GLN A 117 15.88 5.61 -10.83
N SER A 118 14.95 4.91 -11.46
CA SER A 118 13.57 5.40 -11.52
C SER A 118 12.94 5.45 -10.13
N PHE A 119 13.20 4.43 -9.30
CA PHE A 119 12.69 4.45 -7.94
C PHE A 119 13.28 5.62 -7.15
N GLN A 120 14.58 5.86 -7.29
CA GLN A 120 15.20 6.99 -6.60
C GLN A 120 14.61 8.30 -7.08
N HIS A 121 14.36 8.43 -8.39
CA HIS A 121 13.75 9.64 -8.92
C HIS A 121 12.35 9.84 -8.36
N LEU A 122 11.57 8.76 -8.26
CA LEU A 122 10.22 8.86 -7.70
C LEU A 122 10.26 9.29 -6.24
N LEU A 123 11.17 8.71 -5.45
CA LEU A 123 11.31 9.14 -4.06
C LEU A 123 11.72 10.61 -3.96
N ARG A 124 12.65 11.05 -4.81
CA ARG A 124 13.07 12.44 -4.78
C ARG A 124 11.92 13.37 -5.14
N THR A 125 11.13 13.00 -6.16
CA THR A 125 9.98 13.82 -6.54
C THR A 125 8.95 13.87 -5.42
N LEU A 126 8.69 12.73 -4.78
CA LEU A 126 7.72 12.71 -3.68
C LEU A 126 8.19 13.57 -2.51
N ASN A 127 9.48 13.49 -2.17
CA ASN A 127 10.01 14.31 -1.09
C ASN A 127 10.18 15.77 -1.48
N GLN A 128 10.11 16.09 -2.78
CA GLN A 128 10.15 17.47 -3.23
C GLN A 128 8.81 18.19 -3.04
N SER A 129 7.74 17.44 -2.73
CA SER A 129 6.43 18.04 -2.56
C SER A 129 6.40 18.92 -1.30
N SER A 130 5.51 19.90 -1.32
CA SER A 130 5.37 20.83 -0.20
C SER A 130 4.47 20.22 0.87
N ASP A 131 4.19 21.01 1.92
CA ASP A 131 3.46 20.52 3.08
C ASP A 131 1.98 20.27 2.80
N GLU A 132 1.46 20.72 1.66
CA GLU A 132 0.04 20.51 1.37
C GLU A 132 -0.30 19.03 1.29
N LEU A 133 0.55 18.25 0.60
CA LEU A 133 0.37 16.81 0.53
C LEU A 133 1.71 16.17 0.85
N GLN A 134 1.70 15.20 1.78
CA GLN A 134 2.90 14.48 2.16
C GLN A 134 2.58 12.99 2.23
N LEU A 135 3.45 12.18 1.63
CA LEU A 135 3.32 10.71 1.66
C LEU A 135 4.65 10.19 2.23
N SER A 136 4.67 9.94 3.53
CA SER A 136 5.88 9.54 4.24
C SER A 136 5.93 8.03 4.37
N MET A 137 6.89 7.41 3.67
CA MET A 137 7.17 5.99 3.80
C MET A 137 8.65 5.81 4.14
N GLY A 138 8.92 4.92 5.09
CA GLY A 138 10.26 4.79 5.62
C GLY A 138 10.73 3.36 5.83
N ASN A 139 10.31 2.46 4.94
CA ASN A 139 10.61 1.04 5.10
C ASN A 139 12.11 0.82 5.30
N ALA A 140 12.45 -0.25 6.02
CA ALA A 140 13.83 -0.53 6.37
C ALA A 140 14.01 -2.03 6.50
N MET A 141 15.27 -2.46 6.43
CA MET A 141 15.64 -3.86 6.50
C MET A 141 16.57 -4.10 7.69
N PHE A 142 16.34 -5.20 8.39
CA PHE A 142 17.09 -5.53 9.61
C PHE A 142 17.97 -6.74 9.34
N VAL A 143 19.24 -6.64 9.71
CA VAL A 143 20.24 -7.65 9.39
C VAL A 143 20.69 -8.35 10.68
N LYS A 144 21.07 -9.62 10.53
CA LYS A 144 21.55 -10.40 11.67
C LYS A 144 22.90 -9.86 12.14
N GLU A 145 23.04 -9.68 13.46
CA GLU A 145 24.23 -9.03 13.99
C GLU A 145 25.44 -9.94 13.97
N GLN A 146 25.24 -11.26 14.05
CA GLN A 146 26.37 -12.19 14.07
C GLN A 146 27.15 -12.21 12.75
N LEU A 147 26.55 -11.71 11.67
CA LEU A 147 27.22 -11.62 10.37
C LEU A 147 27.32 -10.15 9.99
N SER A 148 28.52 -9.74 9.56
CA SER A 148 28.79 -8.33 9.33
C SER A 148 28.07 -7.82 8.08
N LEU A 149 27.36 -6.71 8.23
CA LEU A 149 26.71 -6.05 7.11
C LEU A 149 27.75 -5.33 6.24
N LEU A 150 27.35 -4.99 5.02
CA LEU A 150 28.23 -4.31 4.09
C LEU A 150 28.10 -2.80 4.24
N ASP A 151 29.23 -2.12 4.43
CA ASP A 151 29.21 -0.67 4.51
C ASP A 151 28.77 -0.04 3.20
N ARG A 152 29.24 -0.59 2.07
CA ARG A 152 28.85 -0.06 0.77
C ARG A 152 27.35 -0.21 0.54
N PHE A 153 26.76 -1.34 0.96
CA PHE A 153 25.33 -1.51 0.82
C PHE A 153 24.56 -0.53 1.71
N THR A 154 25.08 -0.27 2.91
CA THR A 154 24.43 0.72 3.77
C THR A 154 24.46 2.10 3.13
N GLU A 155 25.60 2.48 2.55
CA GLU A 155 25.68 3.78 1.87
C GLU A 155 24.73 3.83 0.68
N ASP A 156 24.65 2.75 -0.10
CA ASP A 156 23.76 2.70 -1.25
C ASP A 156 22.30 2.84 -0.81
N ALA A 157 21.93 2.13 0.27
CA ALA A 157 20.56 2.24 0.78
C ALA A 157 20.27 3.65 1.27
N LYS A 158 21.22 4.27 1.95
CA LYS A 158 21.02 5.62 2.46
C LYS A 158 20.87 6.63 1.33
N ARG A 159 21.63 6.44 0.24
CA ARG A 159 21.65 7.44 -0.83
C ARG A 159 20.57 7.24 -1.88
N LEU A 160 20.11 6.01 -2.11
CA LEU A 160 19.12 5.74 -3.14
C LEU A 160 17.71 5.62 -2.58
N TYR A 161 17.50 4.69 -1.64
CA TYR A 161 16.18 4.44 -1.08
C TYR A 161 15.95 5.14 0.24
N GLY A 162 16.94 5.86 0.76
CA GLY A 162 16.82 6.55 2.03
C GLY A 162 16.71 5.67 3.25
N SER A 163 16.60 4.36 3.09
CA SER A 163 16.51 3.45 4.21
C SER A 163 17.87 3.24 4.85
N GLU A 164 17.86 2.90 6.15
CA GLU A 164 19.07 2.62 6.90
C GLU A 164 18.95 1.28 7.59
N ALA A 165 20.06 0.55 7.65
CA ALA A 165 20.10 -0.77 8.26
C ALA A 165 21.24 -0.82 9.27
N PHE A 166 21.08 -1.69 10.26
CA PHE A 166 22.10 -1.87 11.29
C PHE A 166 22.00 -3.30 11.83
N ALA A 167 23.08 -3.72 12.50
CA ALA A 167 23.09 -5.03 13.14
C ALA A 167 22.02 -5.09 14.22
N THR A 168 21.25 -6.19 14.22
CA THR A 168 20.13 -6.35 15.14
C THR A 168 20.43 -7.47 16.13
N ASP A 169 20.25 -7.18 17.42
CA ASP A 169 20.47 -8.16 18.47
C ASP A 169 19.28 -9.11 18.55
N PHE A 170 19.19 -9.99 17.56
CA PHE A 170 18.09 -10.95 17.49
C PHE A 170 18.21 -12.06 18.51
N GLN A 171 19.35 -12.17 19.20
CA GLN A 171 19.43 -13.04 20.36
C GLN A 171 18.41 -12.58 21.39
N ASP A 172 17.68 -13.54 21.98
CA ASP A 172 16.57 -13.26 22.87
C ASP A 172 15.51 -12.41 22.16
N SER A 173 14.91 -13.04 21.14
CA SER A 173 13.98 -12.35 20.24
C SER A 173 12.87 -11.61 20.96
N ALA A 174 12.58 -11.97 22.22
CA ALA A 174 11.61 -11.20 23.00
C ALA A 174 12.08 -9.76 23.17
N ALA A 175 13.39 -9.56 23.35
CA ALA A 175 13.95 -8.21 23.38
C ALA A 175 14.06 -7.61 21.99
N ALA A 176 14.29 -8.45 20.97
CA ALA A 176 14.39 -7.93 19.60
C ALA A 176 13.08 -7.32 19.13
N LYS A 177 11.95 -7.93 19.54
CA LYS A 177 10.65 -7.35 19.24
C LYS A 177 10.52 -5.95 19.83
N LYS A 178 10.94 -5.79 21.08
CA LYS A 178 10.89 -4.48 21.72
C LYS A 178 11.79 -3.48 20.99
N LEU A 179 12.99 -3.93 20.59
CA LEU A 179 13.92 -3.03 19.90
C LEU A 179 13.34 -2.55 18.57
N ILE A 180 12.80 -3.46 17.77
CA ILE A 180 12.27 -3.07 16.47
C ILE A 180 11.01 -2.21 16.63
N ASN A 181 10.18 -2.53 17.62
CA ASN A 181 9.01 -1.72 17.88
C ASN A 181 9.40 -0.30 18.31
N ASP A 182 10.41 -0.19 19.17
CA ASP A 182 10.88 1.13 19.59
C ASP A 182 11.45 1.90 18.40
N TYR A 183 12.21 1.22 17.53
CA TYR A 183 12.75 1.89 16.35
C TYR A 183 11.64 2.43 15.47
N VAL A 184 10.61 1.61 15.19
CA VAL A 184 9.57 2.06 14.29
C VAL A 184 8.68 3.10 14.95
N LYS A 185 8.57 3.08 16.28
CA LYS A 185 7.80 4.11 16.98
C LYS A 185 8.54 5.44 16.97
N ASN A 186 9.87 5.41 17.12
CA ASN A 186 10.65 6.62 17.00
C ASN A 186 10.65 7.15 15.57
N GLY A 187 10.61 6.26 14.58
CA GLY A 187 10.60 6.67 13.19
C GLY A 187 9.40 7.55 12.83
N THR A 188 8.21 6.98 12.88
CA THR A 188 7.00 7.76 12.64
C THR A 188 6.67 8.59 13.88
N ARG A 189 5.72 9.52 13.70
CA ARG A 189 5.28 10.36 14.81
C ARG A 189 4.46 9.60 15.84
N GLY A 190 4.07 8.36 15.55
CA GLY A 190 3.25 7.57 16.46
C GLY A 190 2.08 6.92 15.76
N LYS A 191 2.08 6.97 14.42
CA LYS A 191 0.97 6.42 13.66
C LYS A 191 0.87 4.91 13.80
N ILE A 192 2.01 4.22 13.79
CA ILE A 192 2.05 2.76 13.75
C ILE A 192 2.80 2.25 14.98
N THR A 193 2.16 1.33 15.71
CA THR A 193 2.78 0.70 16.87
C THR A 193 2.47 -0.79 16.83
N ASP A 194 3.30 -1.57 17.51
CA ASP A 194 3.18 -3.03 17.56
C ASP A 194 3.20 -3.62 16.14
N LEU A 195 4.20 -3.20 15.36
CA LEU A 195 4.26 -3.63 13.97
C LEU A 195 4.58 -5.12 13.86
N ILE A 196 5.53 -5.60 14.65
CA ILE A 196 5.95 -7.01 14.61
C ILE A 196 5.14 -7.78 15.65
N LYS A 197 4.31 -8.71 15.18
CA LYS A 197 3.49 -9.50 16.08
C LYS A 197 4.33 -10.49 16.88
N ASP A 198 5.22 -11.21 16.22
CA ASP A 198 6.07 -12.19 16.90
C ASP A 198 7.32 -12.43 16.04
N LEU A 199 8.34 -13.00 16.68
CA LEU A 199 9.58 -13.32 16.00
C LEU A 199 10.04 -14.71 16.43
N ASP A 200 10.29 -15.57 15.46
CA ASP A 200 10.75 -16.92 15.75
C ASP A 200 12.18 -16.90 16.28
N SER A 201 12.56 -17.97 16.96
CA SER A 201 13.92 -18.10 17.46
C SER A 201 14.89 -18.26 16.29
N GLN A 202 15.96 -17.46 16.30
CA GLN A 202 16.99 -17.49 15.27
C GLN A 202 16.41 -17.24 13.88
N THR A 203 15.81 -16.05 13.72
CA THR A 203 15.37 -15.57 12.41
C THR A 203 16.54 -14.84 11.76
N MET A 204 16.89 -15.27 10.55
CA MET A 204 18.04 -14.70 9.86
C MET A 204 17.80 -13.23 9.52
N MET A 205 16.61 -12.91 9.01
CA MET A 205 16.33 -11.58 8.50
C MET A 205 14.85 -11.25 8.63
N VAL A 206 14.55 -9.96 8.73
CA VAL A 206 13.18 -9.46 8.72
C VAL A 206 13.15 -8.18 7.91
N LEU A 207 12.10 -8.02 7.11
CA LEU A 207 11.89 -6.82 6.30
C LEU A 207 10.66 -6.08 6.81
N VAL A 208 10.82 -4.78 7.06
CA VAL A 208 9.76 -3.95 7.64
C VAL A 208 9.40 -2.86 6.65
N ASN A 209 8.10 -2.73 6.38
CA ASN A 209 7.60 -1.71 5.47
C ASN A 209 6.39 -1.04 6.10
N TYR A 210 6.48 0.28 6.30
CA TYR A 210 5.40 1.06 6.90
C TYR A 210 5.18 2.33 6.10
N ILE A 211 3.98 2.88 6.22
CA ILE A 211 3.62 4.12 5.53
C ILE A 211 2.45 4.75 6.27
N PHE A 212 2.39 6.09 6.22
CA PHE A 212 1.25 6.82 6.76
C PHE A 212 0.97 8.02 5.86
N PHE A 213 -0.22 8.04 5.26
CA PHE A 213 -0.63 9.09 4.35
C PHE A 213 -1.03 10.34 5.12
N LYS A 214 -0.80 11.50 4.52
CA LYS A 214 -1.22 12.78 5.08
C LYS A 214 -1.65 13.67 3.92
N ALA A 215 -2.96 13.85 3.76
CA ALA A 215 -3.49 14.67 2.68
C ALA A 215 -4.80 15.30 3.13
N LYS A 216 -5.20 16.36 2.43
CA LYS A 216 -6.43 17.07 2.70
C LYS A 216 -7.32 17.04 1.47
N TRP A 217 -8.62 16.83 1.70
CA TRP A 217 -9.56 16.76 0.59
C TRP A 217 -9.63 18.10 -0.14
N GLU A 218 -9.76 18.05 -1.46
CA GLU A 218 -10.00 19.27 -2.23
C GLU A 218 -11.32 19.90 -1.84
N MET A 219 -12.35 19.08 -1.66
CA MET A 219 -13.64 19.51 -1.12
C MET A 219 -13.77 18.92 0.28
N PRO A 220 -13.34 19.64 1.31
CA PRO A 220 -13.34 19.07 2.66
C PRO A 220 -14.76 18.79 3.16
N PHE A 221 -14.92 17.62 3.77
CA PHE A 221 -16.21 17.25 4.34
C PHE A 221 -16.50 18.12 5.57
N ASP A 222 -17.77 18.47 5.74
CA ASP A 222 -18.16 19.27 6.90
C ASP A 222 -18.37 18.35 8.09
N PRO A 223 -17.57 18.46 9.15
CA PRO A 223 -17.76 17.58 10.31
C PRO A 223 -19.10 17.75 10.99
N GLN A 224 -19.67 18.97 10.97
CA GLN A 224 -20.95 19.20 11.62
C GLN A 224 -22.11 18.50 10.93
N ASP A 225 -21.91 17.98 9.72
CA ASP A 225 -22.94 17.27 8.98
C ASP A 225 -22.76 15.76 9.03
N THR A 226 -21.81 15.26 9.82
CA THR A 226 -21.58 13.82 9.89
C THR A 226 -22.73 13.15 10.62
N HIS A 227 -23.29 12.11 10.00
CA HIS A 227 -24.45 11.39 10.53
C HIS A 227 -24.07 9.95 10.84
N GLN A 228 -24.64 9.42 11.92
CA GLN A 228 -24.45 8.02 12.30
C GLN A 228 -25.55 7.19 11.63
N SER A 229 -25.21 6.53 10.53
CA SER A 229 -26.16 5.75 9.77
C SER A 229 -25.72 4.28 9.74
N ARG A 230 -26.41 3.49 8.93
CA ARG A 230 -26.19 2.05 8.86
C ARG A 230 -25.36 1.70 7.64
N PHE A 231 -24.35 0.85 7.85
CA PHE A 231 -23.51 0.34 6.78
C PHE A 231 -23.85 -1.13 6.57
N TYR A 232 -24.28 -1.48 5.36
CA TYR A 232 -24.80 -2.81 5.07
C TYR A 232 -23.65 -3.76 4.77
N LEU A 233 -23.38 -4.67 5.73
CA LEU A 233 -22.41 -5.73 5.48
C LEU A 233 -22.89 -6.65 4.36
N SER A 234 -24.17 -6.99 4.37
CA SER A 234 -24.74 -7.92 3.40
C SER A 234 -26.19 -7.51 3.16
N LYS A 235 -26.98 -8.43 2.61
CA LYS A 235 -28.38 -8.11 2.31
C LYS A 235 -29.17 -7.76 3.57
N LYS A 236 -28.93 -8.47 4.68
CA LYS A 236 -29.67 -8.21 5.91
C LYS A 236 -28.76 -8.07 7.12
N LYS A 237 -27.51 -7.66 6.94
CA LYS A 237 -26.57 -7.46 8.04
C LYS A 237 -26.00 -6.06 7.93
N TRP A 238 -26.14 -5.27 8.99
CA TRP A 238 -25.65 -3.90 9.01
C TRP A 238 -24.93 -3.62 10.33
N VAL A 239 -24.04 -2.63 10.29
CA VAL A 239 -23.27 -2.21 11.45
C VAL A 239 -23.36 -0.69 11.56
N MET A 240 -23.21 -0.19 12.78
CA MET A 240 -23.25 1.25 13.03
C MET A 240 -21.88 1.85 12.79
N VAL A 241 -21.81 2.86 11.93
CA VAL A 241 -20.56 3.58 11.65
C VAL A 241 -20.92 4.97 11.15
N PRO A 242 -20.24 6.02 11.62
CA PRO A 242 -20.54 7.37 11.13
C PRO A 242 -20.16 7.52 9.65
N MET A 243 -20.96 8.31 8.94
CA MET A 243 -20.66 8.69 7.57
C MET A 243 -20.70 10.20 7.43
N MET A 244 -20.04 10.68 6.37
CA MET A 244 -19.89 12.10 6.11
C MET A 244 -20.62 12.46 4.83
N SER A 245 -21.22 13.64 4.80
CA SER A 245 -22.11 14.03 3.71
C SER A 245 -21.69 15.37 3.11
N LEU A 246 -22.06 15.54 1.84
CA LEU A 246 -21.89 16.80 1.13
C LEU A 246 -23.15 17.06 0.32
N HIS A 247 -23.21 18.24 -0.30
CA HIS A 247 -24.35 18.59 -1.12
C HIS A 247 -23.94 19.63 -2.16
N HIS A 248 -24.55 19.55 -3.34
CA HIS A 248 -24.33 20.49 -4.42
C HIS A 248 -22.84 20.59 -4.79
N LEU A 249 -22.21 19.43 -4.93
CA LEU A 249 -20.81 19.35 -5.28
C LEU A 249 -20.65 18.64 -6.63
N THR A 250 -19.58 18.98 -7.34
CA THR A 250 -19.31 18.42 -8.66
C THR A 250 -17.97 17.67 -8.61
N ILE A 251 -18.03 16.35 -8.78
CA ILE A 251 -16.84 15.51 -8.80
C ILE A 251 -16.94 14.57 -9.99
N PRO A 252 -15.81 14.04 -10.46
CA PRO A 252 -15.87 13.04 -11.53
C PRO A 252 -16.68 11.83 -11.09
N TYR A 253 -17.45 11.28 -12.04
CA TYR A 253 -18.40 10.22 -11.71
C TYR A 253 -18.60 9.37 -12.95
N PHE A 254 -18.61 8.05 -12.78
CA PHE A 254 -18.80 7.13 -13.88
C PHE A 254 -19.55 5.90 -13.40
N ARG A 255 -20.64 5.57 -14.07
CA ARG A 255 -21.42 4.36 -13.81
C ARG A 255 -21.15 3.37 -14.94
N ASP A 256 -20.62 2.20 -14.59
CA ASP A 256 -20.22 1.20 -15.57
C ASP A 256 -21.37 0.21 -15.74
N GLU A 257 -22.19 0.46 -16.76
CA GLU A 257 -23.33 -0.42 -17.04
C GLU A 257 -22.92 -1.78 -17.56
N GLU A 258 -21.64 -1.95 -17.95
CA GLU A 258 -21.15 -3.25 -18.40
C GLU A 258 -20.27 -3.94 -17.36
N LEU A 259 -19.88 -3.25 -16.29
CA LEU A 259 -19.11 -3.84 -15.21
C LEU A 259 -19.87 -3.87 -13.89
N SER A 260 -21.03 -3.21 -13.82
CA SER A 260 -21.91 -3.22 -12.66
C SER A 260 -21.21 -2.67 -11.42
N CYS A 261 -20.71 -1.44 -11.55
CA CYS A 261 -20.08 -0.74 -10.43
C CYS A 261 -20.11 0.75 -10.71
N THR A 262 -19.95 1.53 -9.64
CA THR A 262 -19.90 2.98 -9.71
C THR A 262 -18.56 3.44 -9.15
N VAL A 263 -17.90 4.36 -9.86
CA VAL A 263 -16.61 4.89 -9.46
C VAL A 263 -16.71 6.40 -9.37
N VAL A 264 -16.22 6.96 -8.27
CA VAL A 264 -16.19 8.40 -8.04
C VAL A 264 -14.79 8.80 -7.64
N GLU A 265 -14.34 9.95 -8.15
CA GLU A 265 -12.99 10.44 -7.90
C GLU A 265 -13.05 11.59 -6.90
N LEU A 266 -12.33 11.44 -5.79
CA LEU A 266 -12.14 12.50 -4.81
C LEU A 266 -10.67 12.89 -4.83
N LYS A 267 -10.41 14.17 -5.10
CA LYS A 267 -9.05 14.67 -5.27
C LYS A 267 -8.56 15.34 -4.00
N TYR A 268 -7.24 15.32 -3.82
CA TYR A 268 -6.59 15.95 -2.68
C TYR A 268 -5.96 17.27 -3.10
N THR A 269 -5.66 18.10 -2.10
CA THR A 269 -5.14 19.44 -2.35
C THR A 269 -3.79 19.42 -3.07
N GLY A 270 -3.07 18.31 -3.02
CA GLY A 270 -1.79 18.20 -3.70
C GLY A 270 -1.94 17.74 -5.13
N ASN A 271 -0.95 16.97 -5.59
CA ASN A 271 -0.92 16.46 -6.96
C ASN A 271 -1.52 15.07 -7.08
N ALA A 272 -1.99 14.47 -5.99
CA ALA A 272 -2.57 13.14 -6.03
C ALA A 272 -4.07 13.21 -5.84
N SER A 273 -4.71 12.04 -5.92
CA SER A 273 -6.16 11.93 -5.79
C SER A 273 -6.50 10.52 -5.37
N ALA A 274 -7.78 10.31 -5.06
CA ALA A 274 -8.28 9.01 -4.62
C ALA A 274 -9.45 8.58 -5.49
N LEU A 275 -9.53 7.27 -5.73
CA LEU A 275 -10.62 6.66 -6.49
C LEU A 275 -11.43 5.78 -5.56
N PHE A 276 -12.73 6.03 -5.51
CA PHE A 276 -13.66 5.19 -4.76
C PHE A 276 -14.51 4.39 -5.72
N ILE A 277 -14.62 3.09 -5.46
CA ILE A 277 -15.36 2.17 -6.33
C ILE A 277 -16.50 1.59 -5.51
N LEU A 278 -17.73 1.73 -6.02
CA LEU A 278 -18.93 1.31 -5.31
C LEU A 278 -19.67 0.28 -6.17
N PRO A 279 -19.33 -1.00 -6.04
CA PRO A 279 -20.05 -2.03 -6.79
C PRO A 279 -21.47 -2.19 -6.29
N ASP A 280 -22.33 -2.70 -7.17
CA ASP A 280 -23.71 -2.96 -6.83
C ASP A 280 -23.81 -4.11 -5.83
N GLN A 281 -25.03 -4.36 -5.34
CA GLN A 281 -25.25 -5.40 -4.35
C GLN A 281 -24.95 -6.77 -4.94
N ASP A 282 -24.20 -7.58 -4.17
CA ASP A 282 -23.84 -8.94 -4.56
C ASP A 282 -23.16 -8.98 -5.93
N LYS A 283 -22.25 -8.03 -6.17
CA LYS A 283 -21.51 -7.97 -7.41
C LYS A 283 -20.04 -7.62 -7.20
N MET A 284 -19.55 -7.65 -5.95
CA MET A 284 -18.17 -7.27 -5.68
C MET A 284 -17.19 -8.30 -6.23
N GLU A 285 -17.54 -9.59 -6.16
CA GLU A 285 -16.67 -10.62 -6.70
C GLU A 285 -16.51 -10.48 -8.20
N GLU A 286 -17.59 -10.15 -8.92
CA GLU A 286 -17.48 -9.89 -10.35
C GLU A 286 -16.58 -8.70 -10.63
N VAL A 287 -16.70 -7.65 -9.82
CA VAL A 287 -15.83 -6.48 -9.99
C VAL A 287 -14.37 -6.88 -9.82
N GLU A 288 -14.06 -7.67 -8.79
CA GLU A 288 -12.70 -8.12 -8.58
C GLU A 288 -12.21 -8.99 -9.73
N ALA A 289 -13.06 -9.89 -10.22
CA ALA A 289 -12.67 -10.78 -11.31
C ALA A 289 -12.35 -10.00 -12.57
N MET A 290 -13.20 -9.01 -12.91
CA MET A 290 -12.95 -8.15 -14.06
C MET A 290 -12.18 -6.89 -13.68
N LEU A 291 -11.40 -6.95 -12.60
CA LEU A 291 -10.58 -5.82 -12.18
C LEU A 291 -9.18 -6.04 -12.72
N LEU A 292 -8.75 -5.18 -13.63
CA LEU A 292 -7.43 -5.22 -14.22
C LEU A 292 -6.93 -3.80 -14.40
N PRO A 293 -5.62 -3.60 -14.56
CA PRO A 293 -5.15 -2.27 -14.97
C PRO A 293 -5.74 -1.82 -16.28
N GLU A 294 -6.10 -2.76 -17.16
CA GLU A 294 -6.87 -2.43 -18.36
C GLU A 294 -8.17 -1.72 -17.99
N THR A 295 -8.76 -2.06 -16.85
CA THR A 295 -9.98 -1.43 -16.38
C THR A 295 -9.70 -0.11 -15.67
N LEU A 296 -8.59 -0.02 -14.94
CA LEU A 296 -8.22 1.24 -14.30
C LEU A 296 -7.95 2.32 -15.34
N LYS A 297 -7.30 1.95 -16.44
CA LYS A 297 -7.07 2.90 -17.52
C LYS A 297 -8.38 3.44 -18.07
N ARG A 298 -9.34 2.56 -18.34
CA ARG A 298 -10.64 3.00 -18.84
C ARG A 298 -11.35 3.89 -17.83
N TRP A 299 -11.26 3.53 -16.54
CA TRP A 299 -11.93 4.32 -15.51
C TRP A 299 -11.35 5.73 -15.44
N ARG A 300 -10.03 5.86 -15.46
CA ARG A 300 -9.43 7.20 -15.40
C ARG A 300 -9.62 7.97 -16.69
N ASP A 301 -9.76 7.29 -17.83
CA ASP A 301 -10.06 7.99 -19.07
C ASP A 301 -11.56 8.19 -19.28
N SER A 302 -12.41 7.73 -18.36
CA SER A 302 -13.85 7.92 -18.48
C SER A 302 -14.43 8.55 -17.21
N LEU A 303 -13.68 9.46 -16.59
CA LEU A 303 -14.15 10.18 -15.41
C LEU A 303 -14.67 11.53 -15.84
N GLU A 304 -15.99 11.69 -15.80
CA GLU A 304 -16.64 12.93 -16.21
C GLU A 304 -17.30 13.60 -15.01
N PHE A 305 -17.20 14.92 -14.95
CA PHE A 305 -17.80 15.68 -13.86
C PHE A 305 -19.33 15.57 -13.92
N ARG A 306 -19.94 15.47 -12.74
CA ARG A 306 -21.39 15.36 -12.65
C ARG A 306 -21.87 16.17 -11.45
N GLU A 307 -23.09 16.69 -11.57
CA GLU A 307 -23.71 17.46 -10.49
C GLU A 307 -24.44 16.54 -9.52
N ILE A 308 -23.65 15.73 -8.80
CA ILE A 308 -24.22 14.80 -7.85
C ILE A 308 -24.88 15.56 -6.71
N GLY A 309 -26.08 15.11 -6.32
CA GLY A 309 -26.80 15.75 -5.25
C GLY A 309 -26.15 15.59 -3.89
N GLU A 310 -26.12 14.36 -3.38
CA GLU A 310 -25.55 14.06 -2.08
C GLU A 310 -24.56 12.90 -2.21
N LEU A 311 -23.45 13.01 -1.50
CA LEU A 311 -22.44 11.96 -1.45
C LEU A 311 -22.17 11.61 0.00
N TYR A 312 -22.23 10.32 0.32
CA TYR A 312 -22.01 9.83 1.68
C TYR A 312 -20.81 8.91 1.69
N LEU A 313 -19.87 9.16 2.61
CA LEU A 313 -18.65 8.38 2.71
C LEU A 313 -18.40 8.01 4.17
N PRO A 314 -18.03 6.76 4.44
CA PRO A 314 -17.79 6.35 5.82
C PRO A 314 -16.60 7.07 6.42
N LYS A 315 -16.65 7.26 7.74
CA LYS A 315 -15.56 7.84 8.51
C LYS A 315 -14.77 6.70 9.13
N PHE A 316 -13.73 6.24 8.44
CA PHE A 316 -12.97 5.07 8.84
C PHE A 316 -11.48 5.33 8.72
N SER A 317 -10.72 4.80 9.66
CA SER A 317 -9.26 4.86 9.66
C SER A 317 -8.76 3.42 9.71
N ILE A 318 -8.60 2.81 8.53
CA ILE A 318 -8.18 1.42 8.45
C ILE A 318 -6.71 1.30 8.80
N SER A 319 -6.36 0.23 9.51
CA SER A 319 -4.98 -0.02 9.92
C SER A 319 -4.80 -1.51 10.16
N ARG A 320 -4.05 -2.16 9.28
CA ARG A 320 -3.81 -3.60 9.38
C ARG A 320 -2.35 -3.89 9.09
N ASP A 321 -1.83 -4.95 9.71
CA ASP A 321 -0.49 -5.45 9.44
C ASP A 321 -0.58 -6.70 8.57
N TYR A 322 0.35 -6.84 7.64
CA TYR A 322 0.36 -7.94 6.68
C TYR A 322 1.73 -8.60 6.66
N ASN A 323 1.76 -9.92 6.87
CA ASN A 323 2.98 -10.70 6.70
C ASN A 323 3.01 -11.25 5.29
N LEU A 324 4.01 -10.86 4.51
CA LEU A 324 4.05 -11.14 3.08
C LEU A 324 4.86 -12.38 2.74
N ASN A 325 5.10 -13.27 3.70
CA ASN A 325 5.85 -14.48 3.41
C ASN A 325 5.12 -15.35 2.38
N ASP A 326 3.94 -15.87 2.75
CA ASP A 326 3.19 -16.71 1.84
C ASP A 326 2.67 -15.92 0.64
N ILE A 327 2.33 -14.65 0.84
CA ILE A 327 1.82 -13.82 -0.24
C ILE A 327 2.87 -13.66 -1.33
N LEU A 328 4.10 -13.33 -0.94
CA LEU A 328 5.16 -13.20 -1.93
C LEU A 328 5.59 -14.55 -2.47
N LEU A 329 5.49 -15.62 -1.65
CA LEU A 329 5.79 -16.95 -2.14
C LEU A 329 4.84 -17.33 -3.28
N GLN A 330 3.56 -17.03 -3.14
CA GLN A 330 2.60 -17.28 -4.20
C GLN A 330 2.73 -16.28 -5.34
N LEU A 331 3.24 -15.08 -5.06
CA LEU A 331 3.36 -14.05 -6.09
C LEU A 331 4.37 -14.42 -7.16
N GLY A 332 5.47 -15.06 -6.78
CA GLY A 332 6.48 -15.44 -7.76
C GLY A 332 7.91 -15.34 -7.27
N ILE A 333 8.10 -14.86 -6.04
CA ILE A 333 9.42 -14.81 -5.41
C ILE A 333 9.45 -15.87 -4.33
N GLU A 334 10.30 -16.87 -4.50
CA GLU A 334 10.40 -17.99 -3.57
C GLU A 334 11.83 -18.26 -3.11
N GLU A 335 12.82 -18.07 -3.98
CA GLU A 335 14.18 -18.50 -3.67
C GLU A 335 14.77 -17.71 -2.51
N ALA A 336 14.38 -16.45 -2.34
CA ALA A 336 14.96 -15.61 -1.31
C ALA A 336 14.55 -16.03 0.10
N PHE A 337 13.55 -16.90 0.24
CA PHE A 337 12.99 -17.24 1.55
C PHE A 337 13.37 -18.62 2.06
N THR A 338 14.01 -19.46 1.24
CA THR A 338 14.27 -20.86 1.59
C THR A 338 15.75 -21.14 1.74
N SER A 339 16.48 -20.25 2.43
CA SER A 339 17.90 -20.42 2.73
C SER A 339 18.73 -20.59 1.46
N LYS A 340 18.28 -19.98 0.36
CA LYS A 340 19.01 -19.96 -0.88
C LYS A 340 18.93 -18.58 -1.53
N ALA A 341 18.85 -17.54 -0.71
CA ALA A 341 18.62 -16.19 -1.22
C ALA A 341 19.77 -15.71 -2.10
N ASP A 342 21.00 -16.10 -1.77
CA ASP A 342 22.19 -15.64 -2.49
C ASP A 342 22.26 -14.11 -2.50
N LEU A 343 21.93 -13.50 -1.37
CA LEU A 343 21.93 -12.05 -1.23
C LEU A 343 23.36 -11.57 -0.94
N SER A 344 24.20 -11.70 -1.96
CA SER A 344 25.60 -11.30 -1.83
C SER A 344 25.77 -9.79 -1.68
N GLY A 345 24.77 -9.01 -2.09
CA GLY A 345 24.85 -7.56 -1.90
C GLY A 345 24.67 -7.15 -0.46
N ILE A 346 23.93 -7.93 0.33
CA ILE A 346 23.69 -7.57 1.72
C ILE A 346 24.96 -7.67 2.54
N THR A 347 25.67 -8.80 2.45
CA THR A 347 26.89 -9.03 3.22
C THR A 347 28.05 -9.58 2.41
N GLY A 348 27.81 -10.24 1.29
CA GLY A 348 28.89 -10.84 0.52
C GLY A 348 29.19 -12.29 0.85
N ALA A 349 28.31 -12.98 1.57
CA ALA A 349 28.56 -14.37 1.93
C ALA A 349 27.34 -15.27 1.78
N ARG A 350 26.27 -14.78 1.14
CA ARG A 350 25.04 -15.52 0.84
C ARG A 350 24.55 -16.35 2.02
N ASN A 351 24.81 -15.87 3.24
CA ASN A 351 24.48 -16.60 4.46
C ASN A 351 23.17 -16.13 5.08
N LEU A 352 22.43 -15.25 4.41
CA LEU A 352 21.19 -14.71 4.96
C LEU A 352 20.06 -14.84 3.95
N ALA A 353 18.87 -15.13 4.45
CA ALA A 353 17.66 -15.17 3.64
C ALA A 353 16.56 -14.42 4.38
N VAL A 354 15.68 -13.79 3.63
CA VAL A 354 14.60 -13.00 4.21
C VAL A 354 13.54 -13.93 4.76
N SER A 355 13.18 -13.74 6.02
CA SER A 355 12.26 -14.63 6.72
C SER A 355 10.90 -14.02 7.01
N GLN A 356 10.82 -12.70 7.16
CA GLN A 356 9.56 -12.04 7.49
C GLN A 356 9.48 -10.71 6.76
N VAL A 357 8.58 -10.62 5.79
CA VAL A 357 8.26 -9.36 5.13
C VAL A 357 6.89 -8.95 5.67
N VAL A 358 6.88 -8.16 6.75
CA VAL A 358 5.64 -7.73 7.39
C VAL A 358 5.40 -6.27 7.04
N HIS A 359 4.22 -5.98 6.51
CA HIS A 359 3.86 -4.64 6.06
C HIS A 359 2.60 -4.17 6.78
N LYS A 360 2.59 -2.90 7.16
CA LYS A 360 1.41 -2.24 7.72
C LYS A 360 1.24 -0.89 7.03
N ALA A 361 0.11 -0.71 6.36
CA ALA A 361 -0.23 0.57 5.74
C ALA A 361 -1.40 1.19 6.50
N VAL A 362 -1.12 2.28 7.21
CA VAL A 362 -2.13 3.01 7.97
C VAL A 362 -2.60 4.19 7.12
N LEU A 363 -3.87 4.54 7.26
CA LEU A 363 -4.47 5.58 6.44
C LEU A 363 -5.78 6.03 7.09
N ASP A 364 -6.06 7.33 7.01
CA ASP A 364 -7.24 7.92 7.62
C ASP A 364 -8.10 8.57 6.55
N VAL A 365 -9.39 8.21 6.53
CA VAL A 365 -10.37 8.88 5.68
C VAL A 365 -11.36 9.62 6.58
N PHE A 366 -11.08 10.89 6.85
CA PHE A 366 -11.88 11.70 7.75
C PHE A 366 -12.44 12.92 7.01
N GLU A 367 -13.04 13.83 7.77
CA GLU A 367 -13.73 14.98 7.17
C GLU A 367 -12.77 15.87 6.41
N GLU A 368 -11.68 16.29 7.06
CA GLU A 368 -10.69 17.16 6.44
C GLU A 368 -9.40 16.43 6.08
N GLY A 369 -9.49 15.17 5.68
CA GLY A 369 -8.31 14.37 5.44
C GLY A 369 -7.85 13.69 6.71
N THR A 370 -6.56 13.36 6.74
CA THR A 370 -6.00 12.71 7.91
C THR A 370 -5.99 13.66 9.10
N GLU A 371 -5.96 13.07 10.30
CA GLU A 371 -5.93 13.78 11.58
C GLU A 371 -6.95 14.93 11.61
N ALA A 372 -8.22 14.57 11.46
CA ALA A 372 -9.29 15.56 11.49
C ALA A 372 -9.38 16.24 12.86
N SER A 373 -9.62 17.54 12.84
CA SER A 373 -9.73 18.32 14.06
C SER A 373 -11.19 18.41 14.52
N ARG A 390 -31.09 15.17 -7.31
CA ARG A 390 -30.15 14.78 -8.34
C ARG A 390 -29.65 13.36 -8.13
N THR A 391 -28.39 13.11 -8.48
CA THR A 391 -27.77 11.81 -8.30
C THR A 391 -27.26 11.67 -6.87
N ILE A 392 -27.65 10.58 -6.20
CA ILE A 392 -27.27 10.32 -4.82
C ILE A 392 -26.34 9.11 -4.80
N VAL A 393 -25.18 9.27 -4.18
CA VAL A 393 -24.21 8.19 -4.00
C VAL A 393 -24.02 7.97 -2.51
N ARG A 394 -24.26 6.73 -2.06
CA ARG A 394 -24.18 6.38 -0.66
C ARG A 394 -23.28 5.15 -0.51
N PHE A 395 -22.20 5.29 0.24
CA PHE A 395 -21.25 4.20 0.46
C PHE A 395 -21.61 3.41 1.71
N ASN A 396 -22.79 2.79 1.65
CA ASN A 396 -23.24 1.86 2.69
C ASN A 396 -23.07 0.40 2.26
N ARG A 397 -22.06 0.13 1.44
CA ARG A 397 -21.82 -1.18 0.85
C ARG A 397 -20.32 -1.39 0.81
N PRO A 398 -19.84 -2.63 0.89
CA PRO A 398 -18.42 -2.88 0.71
C PRO A 398 -17.90 -2.26 -0.58
N PHE A 399 -16.78 -1.55 -0.49
CA PHE A 399 -16.30 -0.72 -1.57
C PHE A 399 -14.78 -0.75 -1.62
N LEU A 400 -14.25 -0.37 -2.78
CA LEU A 400 -12.81 -0.35 -3.02
C LEU A 400 -12.28 1.07 -2.83
N MET A 401 -10.95 1.20 -2.97
CA MET A 401 -10.28 2.48 -2.77
C MET A 401 -8.92 2.44 -3.43
N ILE A 402 -8.71 3.28 -4.44
CA ILE A 402 -7.44 3.38 -5.15
C ILE A 402 -6.97 4.83 -5.09
N ILE A 403 -5.75 5.05 -4.64
CA ILE A 403 -5.17 6.39 -4.52
C ILE A 403 -4.05 6.51 -5.55
N VAL A 404 -4.23 7.40 -6.52
CA VAL A 404 -3.26 7.58 -7.59
C VAL A 404 -3.09 9.07 -7.88
N PRO A 405 -1.88 9.46 -8.26
CA PRO A 405 -1.70 10.82 -8.80
C PRO A 405 -2.38 10.98 -10.14
N THR A 406 -2.77 12.22 -10.44
CA THR A 406 -3.46 12.50 -11.69
C THR A 406 -2.52 12.52 -12.89
N ASP A 407 -1.27 12.94 -12.70
CA ASP A 407 -0.35 13.08 -13.82
C ASP A 407 0.00 11.72 -14.42
N THR A 408 0.36 10.76 -13.57
CA THR A 408 0.73 9.42 -14.02
C THR A 408 0.05 8.38 -13.15
N GLN A 409 -0.15 7.19 -13.72
CA GLN A 409 -0.82 6.12 -12.99
C GLN A 409 0.18 5.39 -12.11
N ASN A 410 -0.05 5.47 -10.79
CA ASN A 410 0.76 4.76 -9.81
C ASN A 410 0.01 4.72 -8.48
N ILE A 411 -0.22 3.53 -7.96
CA ILE A 411 -1.13 3.35 -6.83
C ILE A 411 -0.38 3.64 -5.54
N PHE A 412 -0.68 4.77 -4.91
CA PHE A 412 -0.15 5.05 -3.58
C PHE A 412 -0.76 4.12 -2.54
N PHE A 413 -2.09 3.99 -2.55
CA PHE A 413 -2.80 3.14 -1.62
C PHE A 413 -3.93 2.42 -2.34
N MET A 414 -4.05 1.13 -2.08
CA MET A 414 -5.16 0.32 -2.58
C MET A 414 -5.81 -0.38 -1.40
N SER A 415 -7.13 -0.27 -1.30
CA SER A 415 -7.81 -0.73 -0.10
C SER A 415 -9.15 -1.36 -0.47
N LYS A 416 -9.57 -2.30 0.38
CA LYS A 416 -10.92 -2.86 0.34
C LYS A 416 -11.53 -2.68 1.74
N VAL A 417 -12.70 -2.05 1.79
CA VAL A 417 -13.40 -1.81 3.04
C VAL A 417 -14.70 -2.60 2.99
N THR A 418 -14.86 -3.53 3.93
CA THR A 418 -16.09 -4.31 4.07
C THR A 418 -16.82 -4.04 5.38
N ASN A 419 -16.11 -4.00 6.50
CA ASN A 419 -16.68 -3.70 7.81
C ASN A 419 -15.94 -2.50 8.38
N PRO A 420 -16.49 -1.29 8.19
CA PRO A 420 -15.80 -0.09 8.70
C PRO A 420 -15.59 -0.08 10.20
N LYS A 421 -16.41 -0.82 10.96
CA LYS A 421 -16.22 -0.87 12.41
C LYS A 421 -14.88 -1.51 12.77
N GLN A 422 -14.37 -2.40 11.92
CA GLN A 422 -13.06 -3.00 12.14
C GLN A 422 -12.19 -2.84 10.90
#